data_3AA6
#
_entry.id   3AA6
#
_cell.length_a   59.119
_cell.length_b   63.871
_cell.length_c   141.089
_cell.angle_alpha   90.00
_cell.angle_beta   90.00
_cell.angle_gamma   90.00
#
_symmetry.space_group_name_H-M   'P 21 21 21'
#
loop_
_entity.id
_entity.type
_entity.pdbx_description
1 polymer 'F-actin-capping protein subunit alpha-1'
2 polymer 'F-actin-capping protein subunit beta isoforms 1 and 2'
3 polymer '23mer peptide from CD2-associated protein'
4 non-polymer 'BARIUM ION'
5 water water
#
loop_
_entity_poly.entity_id
_entity_poly.type
_entity_poly.pdbx_seq_one_letter_code
_entity_poly.pdbx_strand_id
1 'polypeptide(L)'
;MADFEDRVSDEEKVRIAAKFITHAPPGEFNEVFNDVRLLLNNDNLLREGAAHAFAQYNMDQFTPVKIEGYDDQVLITEHG
DLGNGRFLDPRNKISFKFDHLRKEASDPQPEDTESALKQWRDACDSALRAYVKDHYPNGFCTVYGKSIDGQQTIIACIES
HQFQPKNFWNGRWRSEWKFTITPPTAQVAAVLKIQVHYYEDGNVQLVSHKDIQDSVQVSSDVQTAKEFIKIIENAENEYQ
TAISENYQTMSDTTFKALRRQLPVTRTKIDWNKILSYKIGKEMQNA
;
A
2 'polypeptide(L)'
;MSDQQLDCALDLMRRLPPQQIEKNLSDLIDLVPSLCEDLLSSVDQPLKIARDKVVGKDYLLCDYNRDGDSYRSPWSNKYD
PPLEDGAMPSARLRKLEVEANNAFDQYRDLYFEGGVSSVYLWDLDHGFAGVILIKKAGDGSKKIKGCWDSIHVVEVQEKS
SGRTAHYKLTSTVMLWLQTNKTGSGTMNLGGSLTRQMEKDETVSDSSPHIANIGRLVEDMENKIRSTLNEIYFGKTKDIV
NGLR
;
B
3 'polypeptide(L)' NLLHLTANRPKMPGRRLPGRFNG C
#
# COMPACT_ATOMS: atom_id res chain seq x y z
N ARG A 7 -21.12 12.29 -14.86
CA ARG A 7 -20.05 13.13 -15.48
C ARG A 7 -18.85 12.29 -15.92
N VAL A 8 -18.86 10.99 -15.65
CA VAL A 8 -17.77 10.12 -16.15
C VAL A 8 -18.26 9.11 -17.19
N SER A 9 -17.60 9.07 -18.34
CA SER A 9 -18.01 8.19 -19.43
C SER A 9 -17.66 6.73 -19.14
N ASP A 10 -18.32 5.81 -19.84
CA ASP A 10 -17.96 4.40 -19.75
C ASP A 10 -16.51 4.10 -20.09
N GLU A 11 -16.00 4.72 -21.17
CA GLU A 11 -14.60 4.61 -21.59
C GLU A 11 -13.63 4.92 -20.45
N GLU A 12 -13.91 5.99 -19.73
CA GLU A 12 -13.08 6.38 -18.59
C GLU A 12 -13.21 5.36 -17.45
N LYS A 13 -14.42 4.83 -17.23
CA LYS A 13 -14.63 3.85 -16.17
C LYS A 13 -13.84 2.59 -16.47
N VAL A 14 -13.92 2.08 -17.69
CA VAL A 14 -13.17 0.86 -18.03
C VAL A 14 -11.64 1.08 -18.10
N ARG A 15 -11.21 2.28 -18.46
CA ARG A 15 -9.76 2.58 -18.34
C ARG A 15 -9.33 2.43 -16.87
N ILE A 16 -10.17 2.90 -15.96
CA ILE A 16 -9.85 2.80 -14.53
C ILE A 16 -9.90 1.35 -14.04
N ALA A 17 -10.91 0.60 -14.49
CA ALA A 17 -11.03 -0.79 -14.18
C ALA A 17 -9.74 -1.56 -14.61
N ALA A 18 -9.33 -1.36 -15.87
CA ALA A 18 -8.12 -2.01 -16.36
C ALA A 18 -6.88 -1.64 -15.52
N LYS A 19 -6.74 -0.36 -15.18
CA LYS A 19 -5.65 0.09 -14.35
C LYS A 19 -5.61 -0.67 -12.98
N PHE A 20 -6.73 -0.69 -12.28
CA PHE A 20 -6.78 -1.34 -10.97
C PHE A 20 -6.40 -2.83 -11.08
N ILE A 21 -6.91 -3.49 -12.12
CA ILE A 21 -6.61 -4.91 -12.33
C ILE A 21 -5.10 -5.16 -12.46
N THR A 22 -4.42 -4.31 -13.24
CA THR A 22 -2.98 -4.43 -13.42
C THR A 22 -2.22 -4.17 -12.13
N HIS A 23 -2.84 -3.41 -11.21
CA HIS A 23 -2.17 -3.04 -9.96
C HIS A 23 -2.56 -3.85 -8.73
N ALA A 24 -3.21 -4.98 -8.94
CA ALA A 24 -3.52 -5.90 -7.89
C ALA A 24 -2.22 -6.44 -7.26
N PRO A 25 -2.19 -6.54 -5.93
CA PRO A 25 -1.04 -7.08 -5.21
C PRO A 25 -0.87 -8.57 -5.47
N PRO A 26 0.34 -9.11 -5.21
CA PRO A 26 0.57 -10.54 -5.45
C PRO A 26 -0.46 -11.39 -4.73
N GLY A 27 -1.03 -12.35 -5.47
CA GLY A 27 -1.95 -13.33 -4.91
C GLY A 27 -3.37 -12.85 -4.71
N GLU A 28 -3.66 -11.66 -5.19
CA GLU A 28 -4.97 -11.06 -4.93
C GLU A 28 -5.67 -10.61 -6.19
N PHE A 29 -5.29 -11.20 -7.32
CA PHE A 29 -5.85 -10.83 -8.58
C PHE A 29 -7.37 -11.08 -8.60
N ASN A 30 -7.78 -12.21 -8.06
CA ASN A 30 -9.20 -12.66 -8.07
C ASN A 30 -10.08 -11.70 -7.29
N GLU A 31 -9.60 -11.28 -6.13
CA GLU A 31 -10.36 -10.34 -5.27
C GLU A 31 -10.50 -8.99 -5.95
N VAL A 32 -9.40 -8.51 -6.51
CA VAL A 32 -9.43 -7.20 -7.15
C VAL A 32 -10.33 -7.25 -8.40
N PHE A 33 -10.21 -8.34 -9.16
CA PHE A 33 -11.02 -8.53 -10.35
C PHE A 33 -12.51 -8.56 -9.99
N ASN A 34 -12.87 -9.35 -8.97
CA ASN A 34 -14.25 -9.41 -8.49
CA ASN A 34 -14.24 -9.41 -8.45
C ASN A 34 -14.75 -8.03 -8.07
N ASP A 35 -13.92 -7.28 -7.32
CA ASP A 35 -14.33 -5.92 -6.91
C ASP A 35 -14.67 -5.04 -8.12
N VAL A 36 -13.74 -5.01 -9.09
CA VAL A 36 -13.84 -4.12 -10.22
C VAL A 36 -15.03 -4.50 -11.11
N ARG A 37 -15.20 -5.80 -11.28
CA ARG A 37 -16.33 -6.37 -12.04
C ARG A 37 -17.67 -5.86 -11.50
N LEU A 38 -17.83 -5.88 -10.17
CA LEU A 38 -19.07 -5.40 -9.53
C LEU A 38 -19.22 -3.88 -9.52
N LEU A 39 -18.11 -3.16 -9.49
CA LEU A 39 -18.14 -1.71 -9.57
C LEU A 39 -18.47 -1.21 -10.98
N LEU A 40 -17.91 -1.85 -12.00
CA LEU A 40 -18.21 -1.45 -13.38
C LEU A 40 -19.65 -1.84 -13.74
N ASN A 41 -20.06 -3.02 -13.28
CA ASN A 41 -21.40 -3.54 -13.49
C ASN A 41 -21.77 -3.51 -14.98
N ASN A 42 -20.88 -4.06 -15.81
CA ASN A 42 -21.01 -4.05 -17.27
C ASN A 42 -19.97 -4.99 -17.81
N ASP A 43 -20.31 -6.28 -17.78
CA ASP A 43 -19.39 -7.32 -18.20
C ASP A 43 -18.88 -7.15 -19.64
N ASN A 44 -19.70 -6.58 -20.52
CA ASN A 44 -19.28 -6.31 -21.89
C ASN A 44 -18.18 -5.27 -21.96
N LEU A 45 -18.43 -4.14 -21.31
CA LEU A 45 -17.44 -3.07 -21.25
C LEU A 45 -16.12 -3.63 -20.71
N LEU A 46 -16.20 -4.39 -19.61
CA LEU A 46 -15.02 -5.00 -18.98
C LEU A 46 -14.28 -5.95 -19.92
N ARG A 47 -15.04 -6.74 -20.68
CA ARG A 47 -14.44 -7.71 -21.57
C ARG A 47 -13.64 -6.99 -22.66
N GLU A 48 -14.26 -6.00 -23.28
CA GLU A 48 -13.64 -5.24 -24.37
C GLU A 48 -12.48 -4.36 -23.91
N GLY A 49 -12.78 -3.52 -22.91
CA GLY A 49 -11.87 -2.46 -22.53
C GLY A 49 -10.81 -2.83 -21.53
N ALA A 50 -10.85 -4.07 -21.02
CA ALA A 50 -9.90 -4.50 -19.99
C ALA A 50 -9.20 -5.87 -20.19
N ALA A 51 -9.37 -6.52 -21.34
CA ALA A 51 -8.71 -7.83 -21.55
C ALA A 51 -7.17 -7.76 -21.66
N HIS A 52 -6.66 -6.61 -22.13
CA HIS A 52 -5.24 -6.39 -22.19
C HIS A 52 -4.67 -6.46 -20.77
N ALA A 53 -5.47 -6.03 -19.78
CA ALA A 53 -5.00 -5.92 -18.38
C ALA A 53 -4.73 -7.27 -17.74
N PHE A 54 -5.49 -8.31 -18.08
CA PHE A 54 -5.24 -9.64 -17.52
C PHE A 54 -3.88 -10.17 -17.97
N ALA A 55 -3.67 -10.07 -19.27
CA ALA A 55 -2.38 -10.44 -19.86
C ALA A 55 -1.21 -9.62 -19.28
N GLN A 56 -1.38 -8.30 -19.20
CA GLN A 56 -0.32 -7.42 -18.66
C GLN A 56 0.00 -7.79 -17.20
N TYR A 57 -1.02 -7.95 -16.38
CA TYR A 57 -0.80 -8.49 -15.02
C TYR A 57 0.05 -9.79 -14.97
N ASN A 58 -0.37 -10.83 -15.68
CA ASN A 58 0.36 -12.08 -15.62
C ASN A 58 1.80 -11.96 -16.09
N MET A 59 2.02 -11.22 -17.17
CA MET A 59 3.40 -11.04 -17.64
C MET A 59 4.26 -10.17 -16.71
N ASP A 60 3.66 -9.11 -16.16
CA ASP A 60 4.36 -8.22 -15.22
C ASP A 60 4.72 -8.98 -13.94
N GLN A 61 3.86 -9.89 -13.53
CA GLN A 61 4.01 -10.60 -12.27
C GLN A 61 4.81 -11.88 -12.38
N PHE A 62 5.23 -12.25 -13.60
CA PHE A 62 5.97 -13.50 -13.83
C PHE A 62 5.21 -14.68 -13.24
N THR A 63 3.92 -14.76 -13.55
CA THR A 63 3.06 -15.84 -13.07
C THR A 63 3.61 -17.22 -13.43
N PRO A 64 3.97 -18.05 -12.42
CA PRO A 64 4.37 -19.41 -12.79
C PRO A 64 3.14 -20.26 -13.06
N VAL A 65 3.27 -21.19 -14.02
CA VAL A 65 2.15 -21.99 -14.48
CA VAL A 65 2.15 -21.97 -14.57
C VAL A 65 2.61 -23.42 -14.77
N LYS A 66 1.82 -24.39 -14.30
CA LYS A 66 2.16 -25.80 -14.46
CA LYS A 66 2.13 -25.82 -14.43
C LYS A 66 1.63 -26.29 -15.80
N ILE A 67 2.49 -26.94 -16.58
CA ILE A 67 2.04 -27.50 -17.87
C ILE A 67 1.89 -29.01 -17.73
N GLU A 68 0.66 -29.49 -17.84
CA GLU A 68 0.37 -30.93 -17.78
C GLU A 68 1.33 -31.72 -18.66
N GLY A 69 2.13 -32.58 -18.02
CA GLY A 69 3.09 -33.43 -18.74
C GLY A 69 4.55 -33.10 -18.48
N TYR A 70 4.80 -31.92 -17.91
CA TYR A 70 6.17 -31.45 -17.71
C TYR A 70 6.37 -31.10 -16.25
N ASP A 71 7.54 -31.43 -15.71
CA ASP A 71 7.89 -31.16 -14.32
C ASP A 71 8.17 -29.67 -14.11
N ASP A 72 8.02 -29.19 -12.88
CA ASP A 72 8.32 -27.78 -12.63
C ASP A 72 7.37 -26.90 -13.49
N GLN A 73 7.58 -25.61 -13.46
CA GLN A 73 6.64 -24.68 -13.99
C GLN A 73 7.39 -23.77 -14.94
N VAL A 74 6.67 -22.92 -15.63
CA VAL A 74 7.26 -21.92 -16.50
C VAL A 74 6.62 -20.59 -16.11
N LEU A 75 7.41 -19.54 -16.25
CA LEU A 75 6.97 -18.16 -16.07
C LEU A 75 6.32 -17.59 -17.32
N ILE A 76 5.18 -16.95 -17.11
CA ILE A 76 4.58 -16.05 -18.07
C ILE A 76 5.28 -14.69 -17.98
N THR A 77 5.95 -14.30 -19.08
CA THR A 77 6.68 -13.05 -19.14
C THR A 77 6.54 -12.46 -20.55
N GLU A 78 6.92 -11.19 -20.69
CA GLU A 78 6.86 -10.47 -21.97
C GLU A 78 7.74 -11.19 -23.01
N HIS A 79 8.78 -11.88 -22.53
CA HIS A 79 9.75 -12.53 -23.40
C HIS A 79 9.23 -13.85 -23.96
N GLY A 80 8.22 -14.40 -23.28
CA GLY A 80 7.62 -15.68 -23.72
C GLY A 80 6.40 -15.50 -24.65
N ASP A 81 5.94 -14.26 -24.81
CA ASP A 81 4.70 -13.92 -25.51
C ASP A 81 4.86 -14.14 -27.02
N LEU A 82 4.19 -15.15 -27.56
CA LEU A 82 4.32 -15.51 -28.98
C LEU A 82 3.22 -14.94 -29.86
N GLY A 83 2.32 -14.16 -29.29
CA GLY A 83 1.11 -13.76 -30.03
C GLY A 83 0.07 -14.87 -30.06
N ASN A 84 -1.19 -14.45 -30.20
CA ASN A 84 -2.35 -15.36 -30.38
C ASN A 84 -2.68 -16.23 -29.17
N GLY A 85 -2.41 -15.67 -27.99
CA GLY A 85 -2.68 -16.34 -26.76
C GLY A 85 -1.64 -17.40 -26.40
N ARG A 86 -0.58 -17.56 -27.19
CA ARG A 86 0.41 -18.59 -26.86
C ARG A 86 1.65 -18.01 -26.18
N PHE A 87 2.28 -18.85 -25.35
CA PHE A 87 3.57 -18.56 -24.72
C PHE A 87 4.61 -19.63 -24.95
N LEU A 88 5.86 -19.20 -24.97
CA LEU A 88 7.01 -20.09 -25.02
C LEU A 88 7.46 -20.66 -23.69
N ASP A 89 7.65 -21.98 -23.64
CA ASP A 89 8.44 -22.59 -22.56
C ASP A 89 9.81 -22.97 -23.15
N PRO A 90 10.83 -22.13 -22.88
CA PRO A 90 12.15 -22.35 -23.50
C PRO A 90 12.94 -23.52 -22.92
N ARG A 91 12.56 -24.01 -21.75
CA ARG A 91 13.28 -25.15 -21.15
C ARG A 91 12.80 -26.48 -21.74
N ASN A 92 11.48 -26.62 -21.86
CA ASN A 92 10.86 -27.82 -22.41
C ASN A 92 10.69 -27.77 -23.91
N LYS A 93 11.04 -26.63 -24.51
CA LYS A 93 11.06 -26.43 -25.96
C LYS A 93 9.67 -26.51 -26.63
N ILE A 94 8.67 -25.96 -25.93
CA ILE A 94 7.29 -26.05 -26.37
C ILE A 94 6.63 -24.69 -26.33
N SER A 95 5.54 -24.54 -27.07
CA SER A 95 4.63 -23.41 -26.85
C SER A 95 3.36 -23.98 -26.23
N PHE A 96 2.51 -23.11 -25.67
CA PHE A 96 1.24 -23.53 -25.08
C PHE A 96 0.27 -22.39 -25.07
N LYS A 97 -1.02 -22.74 -25.14
CA LYS A 97 -2.09 -21.77 -24.93
CA LYS A 97 -2.10 -21.78 -24.94
C LYS A 97 -2.17 -21.35 -23.47
N PHE A 98 -2.38 -20.06 -23.22
CA PHE A 98 -2.51 -19.62 -21.85
C PHE A 98 -3.77 -18.76 -21.68
N ASP A 99 -4.62 -19.17 -20.75
CA ASP A 99 -5.86 -18.50 -20.42
C ASP A 99 -5.53 -17.54 -19.30
N HIS A 100 -5.45 -16.25 -19.60
CA HIS A 100 -5.01 -15.26 -18.61
C HIS A 100 -5.97 -15.10 -17.46
N LEU A 101 -7.23 -15.46 -17.68
CA LEU A 101 -8.23 -15.30 -16.64
C LEU A 101 -8.22 -16.47 -15.66
N ARG A 102 -8.27 -17.70 -16.19
CA ARG A 102 -8.15 -18.87 -15.32
C ARG A 102 -6.72 -19.23 -14.93
N LYS A 103 -5.72 -18.58 -15.55
CA LYS A 103 -4.31 -18.86 -15.27
C LYS A 103 -3.98 -20.34 -15.53
N GLU A 104 -4.45 -20.80 -16.68
CA GLU A 104 -4.31 -22.21 -17.04
C GLU A 104 -3.66 -22.37 -18.41
N ALA A 105 -2.68 -23.29 -18.47
CA ALA A 105 -2.00 -23.60 -19.71
C ALA A 105 -2.66 -24.82 -20.35
N SER A 106 -2.65 -24.88 -21.68
CA SER A 106 -3.15 -26.04 -22.41
C SER A 106 -2.50 -26.12 -23.79
N ASP A 107 -2.80 -27.23 -24.50
CA ASP A 107 -2.32 -27.43 -25.87
C ASP A 107 -0.79 -27.31 -26.05
N PRO A 108 0.01 -28.03 -25.25
CA PRO A 108 1.45 -27.89 -25.51
C PRO A 108 1.82 -28.48 -26.88
N GLN A 109 2.62 -27.75 -27.65
CA GLN A 109 3.08 -28.17 -28.97
C GLN A 109 4.60 -27.94 -29.09
N PRO A 110 5.36 -28.88 -29.71
CA PRO A 110 6.82 -28.65 -29.80
C PRO A 110 7.08 -27.39 -30.60
N GLU A 111 8.16 -26.67 -30.27
CA GLU A 111 8.43 -25.40 -30.93
C GLU A 111 9.95 -25.26 -31.20
N ASP A 112 10.32 -24.55 -32.26
CA ASP A 112 11.74 -24.16 -32.45
C ASP A 112 12.04 -22.74 -31.98
N THR A 113 13.27 -22.49 -31.52
CA THR A 113 13.66 -21.10 -31.19
C THR A 113 14.96 -20.63 -31.86
N GLU A 114 16.11 -20.85 -31.20
CA GLU A 114 17.40 -20.40 -31.73
C GLU A 114 18.47 -21.45 -31.53
N SER A 115 18.74 -22.22 -32.60
CA SER A 115 19.72 -23.32 -32.57
C SER A 115 21.13 -22.82 -32.30
N ALA A 116 21.34 -21.52 -32.55
CA ALA A 116 22.61 -20.85 -32.32
C ALA A 116 22.85 -20.68 -30.83
N LEU A 117 21.90 -20.02 -30.16
CA LEU A 117 21.97 -19.75 -28.72
C LEU A 117 21.54 -20.94 -27.88
N LYS A 118 21.34 -22.06 -28.53
CA LYS A 118 20.79 -23.26 -27.92
C LYS A 118 21.56 -23.78 -26.72
N GLN A 119 22.87 -24.06 -26.88
CA GLN A 119 23.68 -24.61 -25.80
C GLN A 119 23.91 -23.60 -24.67
N TRP A 120 24.07 -22.33 -25.00
CA TRP A 120 24.27 -21.26 -24.01
C TRP A 120 23.05 -21.06 -23.13
N ARG A 121 21.88 -21.08 -23.76
CA ARG A 121 20.61 -21.00 -23.05
C ARG A 121 20.44 -22.19 -22.13
N ASP A 122 20.75 -23.38 -22.64
CA ASP A 122 20.63 -24.58 -21.83
C ASP A 122 21.61 -24.59 -20.67
N ALA A 123 22.85 -24.16 -20.92
CA ALA A 123 23.85 -24.13 -19.84
C ALA A 123 23.45 -23.11 -18.73
N CYS A 124 23.02 -21.95 -19.13
CA CYS A 124 22.59 -20.89 -18.19
C CYS A 124 21.34 -21.35 -17.43
N ASP A 125 20.44 -22.03 -18.12
CA ASP A 125 19.20 -22.55 -17.54
C ASP A 125 19.53 -23.59 -16.51
N SER A 126 20.49 -24.44 -16.82
CA SER A 126 20.83 -25.52 -15.91
C SER A 126 21.44 -24.93 -14.64
N ALA A 127 22.38 -24.00 -14.81
CA ALA A 127 23.03 -23.37 -13.67
C ALA A 127 21.97 -22.57 -12.88
N LEU A 128 21.07 -21.89 -13.59
CA LEU A 128 20.11 -20.99 -12.88
C LEU A 128 19.12 -21.81 -12.08
N ARG A 129 18.65 -22.92 -12.65
CA ARG A 129 17.67 -23.73 -11.93
CA ARG A 129 17.71 -23.81 -11.97
C ARG A 129 18.22 -24.20 -10.60
N ALA A 130 19.50 -24.63 -10.56
CA ALA A 130 20.11 -25.08 -9.30
C ALA A 130 20.23 -23.92 -8.32
N TYR A 131 20.66 -22.77 -8.83
CA TYR A 131 20.73 -21.57 -7.99
C TYR A 131 19.33 -21.25 -7.38
N VAL A 132 18.32 -21.32 -8.19
CA VAL A 132 16.96 -20.93 -7.73
C VAL A 132 16.43 -21.95 -6.71
N LYS A 133 16.58 -23.24 -7.00
CA LYS A 133 16.16 -24.25 -6.00
C LYS A 133 16.92 -24.14 -4.67
N ASP A 134 18.23 -23.85 -4.72
CA ASP A 134 18.99 -23.66 -3.50
C ASP A 134 18.61 -22.38 -2.69
N HIS A 135 18.28 -21.28 -3.39
CA HIS A 135 18.15 -19.94 -2.73
C HIS A 135 16.72 -19.48 -2.41
N TYR A 136 15.73 -20.14 -3.00
CA TYR A 136 14.33 -19.70 -2.87
C TYR A 136 13.46 -20.83 -2.36
N PRO A 137 12.51 -20.56 -1.44
CA PRO A 137 11.72 -21.75 -0.97
C PRO A 137 10.89 -22.43 -2.06
N ASN A 138 10.15 -21.66 -2.84
CA ASN A 138 9.39 -22.18 -3.95
CA ASN A 138 9.45 -22.24 -3.99
C ASN A 138 9.65 -21.33 -5.19
N GLY A 139 10.91 -21.15 -5.54
CA GLY A 139 11.23 -20.31 -6.70
C GLY A 139 11.07 -21.04 -8.02
N PHE A 140 10.84 -20.28 -9.08
CA PHE A 140 10.81 -20.81 -10.45
C PHE A 140 11.60 -19.88 -11.34
N CYS A 141 12.20 -20.43 -12.38
CA CYS A 141 12.91 -19.55 -13.30
C CYS A 141 12.69 -19.96 -14.73
N THR A 142 12.85 -19.00 -15.63
CA THR A 142 12.76 -19.24 -17.05
C THR A 142 13.90 -18.47 -17.73
N VAL A 143 14.63 -19.13 -18.64
CA VAL A 143 15.77 -18.48 -19.34
C VAL A 143 15.54 -18.47 -20.84
N TYR A 144 15.60 -17.31 -21.46
CA TYR A 144 15.38 -17.20 -22.89
C TYR A 144 16.69 -16.85 -23.56
N GLY A 145 16.86 -17.28 -24.81
CA GLY A 145 18.03 -16.93 -25.61
C GLY A 145 17.57 -16.34 -26.93
N LYS A 146 17.74 -15.03 -27.11
CA LYS A 146 17.36 -14.40 -28.39
C LYS A 146 18.42 -13.41 -28.87
N SER A 147 18.38 -13.15 -30.18
CA SER A 147 19.20 -12.12 -30.79
CA SER A 147 19.21 -12.12 -30.80
C SER A 147 18.43 -10.80 -30.75
N ILE A 148 18.93 -9.84 -29.98
CA ILE A 148 18.25 -8.53 -29.88
C ILE A 148 19.11 -7.42 -30.49
N ASP A 149 18.54 -6.73 -31.50
CA ASP A 149 19.28 -5.74 -32.30
C ASP A 149 20.58 -6.33 -32.82
N GLY A 150 20.53 -7.60 -33.23
CA GLY A 150 21.72 -8.28 -33.68
C GLY A 150 22.62 -8.88 -32.60
N GLN A 151 22.36 -8.54 -31.33
CA GLN A 151 23.21 -8.98 -30.21
C GLN A 151 22.63 -10.19 -29.47
N GLN A 152 23.41 -11.27 -29.37
CA GLN A 152 22.98 -12.48 -28.65
C GLN A 152 22.78 -12.15 -27.18
N THR A 153 21.58 -12.41 -26.67
CA THR A 153 21.20 -12.01 -25.31
C THR A 153 20.60 -13.21 -24.57
N ILE A 154 21.04 -13.41 -23.33
CA ILE A 154 20.46 -14.38 -22.41
C ILE A 154 19.60 -13.57 -21.41
N ILE A 155 18.34 -13.95 -21.29
CA ILE A 155 17.43 -13.27 -20.38
C ILE A 155 16.95 -14.24 -19.33
N ALA A 156 17.25 -13.96 -18.06
CA ALA A 156 16.95 -14.94 -17.02
C ALA A 156 15.92 -14.28 -16.11
N CYS A 157 14.79 -14.96 -15.87
CA CYS A 157 13.73 -14.45 -15.05
C CYS A 157 13.48 -15.38 -13.88
N ILE A 158 13.29 -14.82 -12.68
CA ILE A 158 13.20 -15.60 -11.45
C ILE A 158 11.96 -15.07 -10.71
N GLU A 159 11.11 -15.99 -10.24
CA GLU A 159 9.92 -15.62 -9.47
C GLU A 159 9.84 -16.48 -8.23
N SER A 160 9.39 -15.88 -7.11
CA SER A 160 9.15 -16.69 -5.93
C SER A 160 8.10 -15.94 -5.14
N HIS A 161 7.03 -16.65 -4.72
CA HIS A 161 5.95 -15.98 -3.97
C HIS A 161 5.49 -16.83 -2.80
N GLN A 162 4.78 -16.19 -1.87
CA GLN A 162 4.23 -16.88 -0.71
C GLN A 162 2.91 -16.20 -0.51
N PHE A 163 1.83 -16.93 -0.69
CA PHE A 163 0.49 -16.40 -0.54
C PHE A 163 -0.12 -16.98 0.72
N GLN A 164 -0.49 -16.12 1.68
CA GLN A 164 -1.13 -16.57 2.92
CA GLN A 164 -1.12 -16.56 2.93
C GLN A 164 -2.35 -15.72 3.26
N PRO A 165 -3.39 -15.79 2.42
CA PRO A 165 -4.52 -14.86 2.62
C PRO A 165 -5.36 -15.09 3.89
N LYS A 166 -5.31 -16.30 4.43
CA LYS A 166 -6.00 -16.60 5.70
C LYS A 166 -5.34 -15.83 6.85
N ASN A 167 -4.05 -15.53 6.70
CA ASN A 167 -3.30 -14.67 7.64
C ASN A 167 -3.12 -13.25 7.11
N PHE A 168 -3.84 -12.92 6.04
CA PHE A 168 -3.95 -11.54 5.53
C PHE A 168 -2.62 -11.00 5.01
N TRP A 169 -1.84 -11.85 4.37
CA TRP A 169 -0.61 -11.34 3.72
C TRP A 169 -0.19 -12.14 2.53
N ASN A 170 0.54 -11.49 1.65
CA ASN A 170 1.06 -12.10 0.43
C ASN A 170 2.38 -11.42 0.11
N GLY A 171 3.26 -12.17 -0.54
CA GLY A 171 4.53 -11.54 -1.01
C GLY A 171 5.04 -12.14 -2.31
N ARG A 172 5.86 -11.38 -3.03
CA ARG A 172 6.45 -11.87 -4.26
CA ARG A 172 6.45 -11.87 -4.26
C ARG A 172 7.77 -11.17 -4.55
N TRP A 173 8.76 -11.95 -4.93
CA TRP A 173 10.04 -11.50 -5.43
C TRP A 173 10.06 -11.78 -6.97
N ARG A 174 10.56 -10.84 -7.77
CA ARG A 174 10.81 -11.05 -9.19
C ARG A 174 12.19 -10.50 -9.48
N SER A 175 12.95 -11.17 -10.34
CA SER A 175 14.23 -10.63 -10.72
C SER A 175 14.42 -10.95 -12.17
N GLU A 176 15.01 -10.02 -12.90
CA GLU A 176 15.22 -10.27 -14.32
C GLU A 176 16.60 -9.79 -14.68
N TRP A 177 17.35 -10.67 -15.32
CA TRP A 177 18.77 -10.49 -15.58
C TRP A 177 19.02 -10.67 -17.06
N LYS A 178 19.65 -9.68 -17.70
CA LYS A 178 19.87 -9.74 -19.15
C LYS A 178 21.38 -9.64 -19.37
N PHE A 179 21.94 -10.64 -20.06
CA PHE A 179 23.36 -10.63 -20.35
C PHE A 179 23.46 -10.51 -21.87
N THR A 180 24.01 -9.38 -22.30
CA THR A 180 24.22 -9.12 -23.70
C THR A 180 25.66 -9.50 -23.98
N ILE A 181 25.83 -10.51 -24.81
CA ILE A 181 27.13 -11.09 -25.04
C ILE A 181 27.90 -10.26 -26.11
N THR A 182 29.00 -9.64 -25.66
CA THR A 182 29.89 -8.86 -26.52
C THR A 182 31.35 -9.36 -26.25
N PRO A 183 31.69 -10.58 -26.72
CA PRO A 183 32.97 -11.25 -26.36
C PRO A 183 34.18 -10.28 -26.55
N PRO A 184 35.15 -10.28 -25.63
CA PRO A 184 35.36 -11.13 -24.47
C PRO A 184 34.58 -10.71 -23.20
N THR A 185 33.58 -9.85 -23.33
CA THR A 185 32.75 -9.46 -22.16
C THR A 185 31.25 -9.65 -22.36
N ALA A 186 30.50 -9.40 -21.29
CA ALA A 186 29.06 -9.29 -21.39
C ALA A 186 28.64 -8.15 -20.48
N GLN A 187 27.78 -7.32 -21.02
CA GLN A 187 27.08 -6.28 -20.26
C GLN A 187 25.94 -6.97 -19.53
N VAL A 188 25.86 -6.73 -18.23
CA VAL A 188 24.76 -7.25 -17.39
C VAL A 188 23.88 -6.09 -16.99
N ALA A 189 22.58 -6.20 -17.24
CA ALA A 189 21.59 -5.28 -16.72
C ALA A 189 20.56 -6.12 -15.99
N ALA A 190 20.17 -5.71 -14.78
CA ALA A 190 19.12 -6.44 -14.13
C ALA A 190 18.22 -5.54 -13.31
N VAL A 191 17.08 -6.10 -12.92
CA VAL A 191 16.21 -5.43 -11.99
CA VAL A 191 16.11 -5.41 -12.07
C VAL A 191 15.61 -6.45 -11.05
N LEU A 192 15.66 -6.12 -9.77
CA LEU A 192 15.20 -6.96 -8.70
C LEU A 192 13.98 -6.22 -8.08
N LYS A 193 12.91 -6.95 -7.77
CA LYS A 193 11.69 -6.29 -7.26
C LYS A 193 11.09 -7.11 -6.17
N ILE A 194 10.54 -6.45 -5.16
CA ILE A 194 9.85 -7.15 -4.10
C ILE A 194 8.57 -6.40 -3.83
N GLN A 195 7.50 -7.14 -3.57
CA GLN A 195 6.26 -6.54 -3.10
C GLN A 195 5.69 -7.38 -1.99
N VAL A 196 5.32 -6.75 -0.89
CA VAL A 196 4.73 -7.50 0.23
C VAL A 196 3.47 -6.72 0.65
N HIS A 197 2.39 -7.43 0.99
CA HIS A 197 1.13 -6.79 1.37
C HIS A 197 0.60 -7.45 2.60
N TYR A 198 0.36 -6.64 3.64
CA TYR A 198 -0.25 -7.11 4.86
C TYR A 198 -1.54 -6.31 5.02
N TYR A 199 -2.67 -7.00 5.27
CA TYR A 199 -3.96 -6.34 5.25
C TYR A 199 -5.00 -6.76 6.30
N GLU A 200 -4.53 -7.34 7.40
CA GLU A 200 -5.37 -7.53 8.60
C GLU A 200 -5.70 -6.16 9.23
N ASP A 201 -6.95 -5.76 9.18
CA ASP A 201 -7.32 -4.42 9.72
C ASP A 201 -6.46 -3.24 9.17
N GLY A 202 -6.07 -3.30 7.90
CA GLY A 202 -5.28 -2.22 7.31
C GLY A 202 -4.79 -2.58 5.92
N ASN A 203 -3.80 -1.82 5.45
CA ASN A 203 -3.22 -2.06 4.14
C ASN A 203 -1.83 -1.48 4.17
N VAL A 204 -0.86 -2.34 4.41
CA VAL A 204 0.57 -1.94 4.47
C VAL A 204 1.26 -2.69 3.35
N GLN A 205 2.11 -1.97 2.58
CA GLN A 205 2.87 -2.62 1.51
C GLN A 205 4.28 -2.13 1.47
N LEU A 206 5.17 -3.09 1.26
CA LEU A 206 6.51 -2.80 0.81
C LEU A 206 6.58 -2.93 -0.71
N VAL A 207 7.15 -1.93 -1.35
CA VAL A 207 7.47 -1.98 -2.76
C VAL A 207 8.92 -1.58 -2.86
N SER A 208 9.72 -2.45 -3.50
CA SER A 208 11.13 -2.22 -3.58
C SER A 208 11.65 -2.66 -4.93
N HIS A 209 12.64 -1.94 -5.44
CA HIS A 209 13.30 -2.38 -6.66
C HIS A 209 14.71 -1.81 -6.72
N LYS A 210 15.60 -2.59 -7.34
CA LYS A 210 16.99 -2.20 -7.48
C LYS A 210 17.43 -2.50 -8.89
N ASP A 211 18.12 -1.53 -9.49
CA ASP A 211 18.70 -1.65 -10.82
C ASP A 211 20.15 -2.07 -10.62
N ILE A 212 20.63 -2.98 -11.49
CA ILE A 212 21.99 -3.52 -11.45
C ILE A 212 22.57 -3.28 -12.86
N GLN A 213 23.80 -2.74 -12.89
CA GLN A 213 24.62 -2.62 -14.12
C GLN A 213 25.95 -3.26 -13.79
N ASP A 214 26.44 -4.16 -14.66
CA ASP A 214 27.73 -4.80 -14.44
C ASP A 214 28.30 -5.27 -15.79
N SER A 215 29.51 -5.83 -15.74
CA SER A 215 30.24 -6.17 -16.97
C SER A 215 31.28 -7.18 -16.56
N VAL A 216 31.19 -8.36 -17.18
CA VAL A 216 31.96 -9.52 -16.79
C VAL A 216 32.53 -10.25 -18.00
N GLN A 217 33.61 -11.00 -17.77
CA GLN A 217 34.30 -11.78 -18.79
C GLN A 217 33.47 -12.97 -19.23
N VAL A 218 33.51 -13.29 -20.53
CA VAL A 218 32.82 -14.44 -21.10
C VAL A 218 33.80 -15.35 -21.85
N SER A 219 33.59 -16.65 -21.75
CA SER A 219 34.48 -17.64 -22.37
C SER A 219 33.66 -18.75 -23.03
N SER A 220 33.63 -19.92 -22.42
CA SER A 220 32.82 -21.01 -22.93
C SER A 220 31.42 -20.95 -22.31
N ASP A 221 30.49 -21.73 -22.85
CA ASP A 221 29.12 -21.72 -22.37
C ASP A 221 28.97 -22.16 -20.91
N VAL A 222 29.55 -23.30 -20.54
CA VAL A 222 29.43 -23.79 -19.15
C VAL A 222 30.14 -22.89 -18.16
N GLN A 223 31.32 -22.37 -18.53
CA GLN A 223 32.05 -21.57 -17.57
C GLN A 223 31.39 -20.20 -17.39
N THR A 224 30.92 -19.61 -18.49
CA THR A 224 30.21 -18.33 -18.46
CA THR A 224 30.26 -18.33 -18.35
C THR A 224 28.92 -18.44 -17.61
N ALA A 225 28.22 -19.55 -17.78
CA ALA A 225 27.02 -19.82 -16.99
C ALA A 225 27.32 -19.78 -15.49
N LYS A 226 28.38 -20.49 -15.07
CA LYS A 226 28.84 -20.45 -13.65
C LYS A 226 29.09 -19.02 -13.20
N GLU A 227 29.84 -18.28 -13.99
CA GLU A 227 30.14 -16.85 -13.71
C GLU A 227 28.90 -15.96 -13.62
N PHE A 228 28.00 -16.11 -14.58
CA PHE A 228 26.72 -15.39 -14.51
C PHE A 228 25.95 -15.67 -13.21
N ILE A 229 25.88 -16.94 -12.80
CA ILE A 229 25.14 -17.32 -11.58
C ILE A 229 25.79 -16.72 -10.33
N LYS A 230 27.13 -16.67 -10.31
CA LYS A 230 27.84 -16.06 -9.18
C LYS A 230 27.50 -14.57 -9.08
N ILE A 231 27.43 -13.89 -10.23
CA ILE A 231 27.06 -12.47 -10.25
C ILE A 231 25.64 -12.27 -9.70
N ILE A 232 24.73 -13.14 -10.16
CA ILE A 232 23.34 -13.07 -9.71
C ILE A 232 23.25 -13.29 -8.19
N GLU A 233 23.92 -14.33 -7.73
CA GLU A 233 23.97 -14.70 -6.33
C GLU A 233 24.50 -13.58 -5.47
N ASN A 234 25.65 -13.03 -5.88
CA ASN A 234 26.29 -11.95 -5.09
C ASN A 234 25.35 -10.73 -4.98
N ALA A 235 24.73 -10.36 -6.09
CA ALA A 235 23.88 -9.16 -6.12
C ALA A 235 22.57 -9.35 -5.38
N GLU A 236 21.95 -10.54 -5.55
CA GLU A 236 20.68 -10.84 -4.85
C GLU A 236 20.89 -11.00 -3.34
N ASN A 237 22.01 -11.61 -2.94
CA ASN A 237 22.36 -11.66 -1.49
C ASN A 237 22.55 -10.27 -0.92
N GLU A 238 23.25 -9.41 -1.64
CA GLU A 238 23.59 -8.06 -1.19
C GLU A 238 22.33 -7.20 -1.08
N TYR A 239 21.46 -7.33 -2.06
CA TYR A 239 20.16 -6.67 -2.01
C TYR A 239 19.32 -7.12 -0.80
N GLN A 240 19.21 -8.42 -0.60
CA GLN A 240 18.42 -8.91 0.53
C GLN A 240 19.03 -8.46 1.86
N THR A 241 20.37 -8.47 1.93
CA THR A 241 21.07 -7.94 3.13
C THR A 241 20.82 -6.47 3.34
N ALA A 242 20.97 -5.67 2.30
CA ALA A 242 20.75 -4.24 2.41
C ALA A 242 19.28 -3.89 2.82
N ILE A 243 18.32 -4.68 2.32
CA ILE A 243 16.91 -4.46 2.72
C ILE A 243 16.73 -4.64 4.22
N SER A 244 17.30 -5.73 4.77
CA SER A 244 17.21 -5.96 6.21
CA SER A 244 17.24 -5.98 6.21
C SER A 244 17.94 -4.88 7.03
N GLU A 245 19.04 -4.31 6.50
CA GLU A 245 19.71 -3.19 7.16
C GLU A 245 18.84 -1.95 7.15
N ASN A 246 18.24 -1.65 5.99
CA ASN A 246 17.32 -0.52 5.89
C ASN A 246 16.21 -0.66 6.92
N TYR A 247 15.67 -1.88 7.07
CA TYR A 247 14.60 -2.13 8.07
C TYR A 247 15.04 -1.76 9.46
N GLN A 248 16.26 -2.18 9.82
CA GLN A 248 16.82 -1.84 11.15
C GLN A 248 16.95 -0.33 11.35
N THR A 249 17.48 0.37 10.37
CA THR A 249 17.61 1.81 10.42
C THR A 249 16.26 2.54 10.51
N MET A 250 15.32 2.14 9.66
CA MET A 250 13.99 2.72 9.70
C MET A 250 13.38 2.57 11.09
N SER A 251 13.62 1.42 11.72
CA SER A 251 13.01 1.15 13.01
CA SER A 251 13.05 1.09 13.02
C SER A 251 13.74 1.88 14.15
N ASP A 252 15.06 1.79 14.19
CA ASP A 252 15.76 2.40 15.33
CA ASP A 252 15.89 2.39 15.27
C ASP A 252 15.98 3.90 15.16
N THR A 253 15.94 4.41 13.94
CA THR A 253 16.09 5.83 13.73
C THR A 253 14.77 6.58 13.44
N THR A 254 14.23 6.35 12.23
CA THR A 254 13.15 7.15 11.69
C THR A 254 11.88 6.92 12.52
N PHE A 255 11.54 5.66 12.74
CA PHE A 255 10.27 5.37 13.45
C PHE A 255 10.26 5.94 14.87
N LYS A 256 11.37 5.73 15.58
CA LYS A 256 11.57 6.26 16.91
C LYS A 256 11.49 7.78 16.94
N ALA A 257 12.07 8.48 15.95
CA ALA A 257 11.96 9.96 15.91
C ALA A 257 10.57 10.52 15.59
N LEU A 258 9.68 9.71 15.01
CA LEU A 258 8.38 10.20 14.61
C LEU A 258 7.49 10.37 15.83
N ARG A 259 7.55 9.42 16.76
CA ARG A 259 6.74 9.57 17.97
C ARG A 259 7.38 8.80 19.09
N ARG A 260 7.41 9.39 20.27
CA ARG A 260 7.85 8.74 21.52
C ARG A 260 6.90 7.59 21.89
N GLN A 261 7.42 6.67 22.69
CA GLN A 261 6.61 5.62 23.33
C GLN A 261 5.80 6.25 24.46
N LEU A 262 6.46 7.15 25.19
CA LEU A 262 5.87 7.88 26.30
C LEU A 262 6.48 9.27 26.44
N PRO A 263 5.79 10.18 27.13
CA PRO A 263 6.40 11.50 27.37
C PRO A 263 7.62 11.27 28.30
N VAL A 264 8.51 12.25 28.37
CA VAL A 264 9.70 12.20 29.27
C VAL A 264 9.44 11.77 30.75
N THR A 265 8.22 11.98 31.23
CA THR A 265 7.80 11.60 32.58
C THR A 265 7.75 10.08 32.79
N ARG A 266 7.81 9.32 31.69
CA ARG A 266 7.73 7.86 31.73
C ARG A 266 6.43 7.37 32.35
N THR A 267 5.42 8.21 32.23
CA THR A 267 4.06 7.82 32.55
C THR A 267 3.13 8.39 31.48
N LYS A 268 1.96 7.79 31.38
CA LYS A 268 0.97 8.35 30.50
C LYS A 268 0.49 9.71 31.03
N ILE A 269 -0.17 10.47 30.17
CA ILE A 269 -0.65 11.82 30.53
C ILE A 269 -1.65 11.87 31.72
N ASP A 270 -1.51 12.89 32.59
CA ASP A 270 -2.55 13.23 33.56
C ASP A 270 -3.50 14.19 32.87
N TRP A 271 -4.66 13.69 32.45
CA TRP A 271 -5.52 14.50 31.60
C TRP A 271 -6.14 15.68 32.36
N ASN A 272 -6.23 15.57 33.68
CA ASN A 272 -6.73 16.70 34.47
C ASN A 272 -5.70 17.82 34.56
N LYS A 273 -4.44 17.45 34.59
CA LYS A 273 -3.40 18.45 34.61
C LYS A 273 -3.17 19.08 33.24
N ILE A 274 -3.48 18.36 32.17
CA ILE A 274 -3.46 18.94 30.82
C ILE A 274 -4.50 20.07 30.68
N LEU A 275 -5.69 19.83 31.20
CA LEU A 275 -6.88 20.67 31.02
C LEU A 275 -6.89 22.00 31.78
N SER A 276 -6.21 22.04 32.92
CA SER A 276 -6.16 23.22 33.78
C SER A 276 -5.18 24.28 33.29
N ASP B 3 -25.10 -1.39 -4.55
CA ASP B 3 -25.56 -2.52 -3.66
C ASP B 3 -24.46 -3.16 -2.82
N GLN B 4 -23.61 -3.97 -3.46
CA GLN B 4 -22.32 -4.42 -2.89
C GLN B 4 -21.23 -3.43 -3.29
N GLN B 5 -21.61 -2.37 -3.99
CA GLN B 5 -20.61 -1.50 -4.56
C GLN B 5 -19.67 -0.83 -3.53
N LEU B 6 -20.21 -0.32 -2.42
CA LEU B 6 -19.38 0.37 -1.42
C LEU B 6 -18.43 -0.64 -0.76
N ASP B 7 -18.96 -1.81 -0.45
CA ASP B 7 -18.20 -2.86 0.14
C ASP B 7 -17.01 -3.21 -0.80
N CYS B 8 -17.28 -3.41 -2.10
CA CYS B 8 -16.19 -3.63 -3.08
C CYS B 8 -15.21 -2.47 -3.21
N ALA B 9 -15.71 -1.22 -3.13
CA ALA B 9 -14.85 -0.05 -3.24
C ALA B 9 -13.86 -0.01 -2.07
N LEU B 10 -14.37 -0.34 -0.87
CA LEU B 10 -13.52 -0.31 0.36
C LEU B 10 -12.51 -1.49 0.36
N ASP B 11 -12.99 -2.65 -0.11
CA ASP B 11 -12.12 -3.79 -0.34
C ASP B 11 -10.99 -3.41 -1.30
N LEU B 12 -11.32 -2.70 -2.39
CA LEU B 12 -10.25 -2.27 -3.29
C LEU B 12 -9.20 -1.43 -2.64
N MET B 13 -9.59 -0.49 -1.78
CA MET B 13 -8.66 0.39 -1.10
C MET B 13 -7.75 -0.36 -0.16
N ARG B 14 -8.19 -1.54 0.30
CA ARG B 14 -7.40 -2.37 1.19
C ARG B 14 -6.34 -3.11 0.42
N ARG B 15 -6.48 -3.15 -0.90
CA ARG B 15 -5.60 -3.99 -1.73
C ARG B 15 -4.70 -3.18 -2.68
N LEU B 16 -5.23 -2.10 -3.26
CA LEU B 16 -4.39 -1.26 -4.15
C LEU B 16 -3.22 -0.67 -3.34
N PRO B 17 -2.03 -0.56 -3.95
CA PRO B 17 -0.87 -0.04 -3.19
C PRO B 17 -1.17 1.28 -2.51
N PRO B 18 -0.89 1.38 -1.21
CA PRO B 18 -1.07 2.69 -0.54
C PRO B 18 -0.07 3.77 -0.99
N GLN B 19 1.02 3.37 -1.64
CA GLN B 19 1.90 4.35 -2.32
C GLN B 19 1.14 5.24 -3.33
N GLN B 20 -0.02 4.76 -3.81
CA GLN B 20 -0.88 5.53 -4.69
C GLN B 20 -2.22 5.89 -4.02
N ILE B 21 -2.22 5.98 -2.68
CA ILE B 21 -3.48 6.16 -1.90
C ILE B 21 -4.39 7.32 -2.38
N GLU B 22 -3.82 8.47 -2.73
CA GLU B 22 -4.59 9.63 -3.15
C GLU B 22 -5.20 9.39 -4.53
N LYS B 23 -4.39 8.90 -5.46
CA LYS B 23 -4.87 8.60 -6.81
C LYS B 23 -5.86 7.47 -6.79
N ASN B 24 -5.66 6.48 -5.91
CA ASN B 24 -6.60 5.39 -5.82
C ASN B 24 -8.01 5.90 -5.52
N LEU B 25 -8.11 6.79 -4.54
CA LEU B 25 -9.45 7.31 -4.19
C LEU B 25 -10.06 8.17 -5.34
N SER B 26 -9.21 8.98 -5.98
CA SER B 26 -9.71 9.81 -7.04
C SER B 26 -10.25 8.92 -8.17
N ASP B 27 -9.51 7.86 -8.50
CA ASP B 27 -9.91 6.88 -9.52
C ASP B 27 -11.21 6.12 -9.16
N LEU B 28 -11.33 5.73 -7.89
CA LEU B 28 -12.51 4.99 -7.43
CA LEU B 28 -12.53 5.00 -7.43
C LEU B 28 -13.80 5.83 -7.55
N ILE B 29 -13.72 7.10 -7.13
CA ILE B 29 -14.85 8.04 -7.26
C ILE B 29 -15.22 8.27 -8.73
N ASP B 30 -14.23 8.35 -9.62
CA ASP B 30 -14.55 8.34 -11.06
C ASP B 30 -15.19 7.03 -11.57
N LEU B 31 -14.76 5.90 -11.02
CA LEU B 31 -15.33 4.60 -11.43
C LEU B 31 -16.79 4.45 -10.93
N VAL B 32 -17.07 4.93 -9.73
CA VAL B 32 -18.44 4.88 -9.16
CA VAL B 32 -18.43 4.87 -9.17
C VAL B 32 -18.88 6.25 -8.62
N PRO B 33 -19.16 7.21 -9.53
CA PRO B 33 -19.44 8.61 -9.13
C PRO B 33 -20.53 8.85 -8.08
N SER B 34 -21.54 7.99 -8.08
CA SER B 34 -22.67 8.09 -7.14
C SER B 34 -22.29 7.74 -5.69
N LEU B 35 -21.09 7.16 -5.50
CA LEU B 35 -20.61 6.81 -4.18
C LEU B 35 -19.72 7.88 -3.58
N CYS B 36 -19.57 9.01 -4.30
CA CYS B 36 -18.57 10.04 -3.92
C CYS B 36 -18.62 10.45 -2.44
N GLU B 37 -19.82 10.81 -1.95
CA GLU B 37 -19.94 11.26 -0.55
C GLU B 37 -19.48 10.13 0.40
N ASP B 38 -19.98 8.92 0.16
CA ASP B 38 -19.68 7.77 1.01
C ASP B 38 -18.17 7.45 0.98
N LEU B 39 -17.56 7.61 -0.20
CA LEU B 39 -16.11 7.34 -0.36
C LEU B 39 -15.24 8.39 0.33
N LEU B 40 -15.60 9.67 0.20
CA LEU B 40 -14.91 10.76 0.89
C LEU B 40 -14.99 10.59 2.40
N SER B 41 -16.12 10.05 2.84
CA SER B 41 -16.39 9.79 4.26
CA SER B 41 -16.39 9.80 4.26
C SER B 41 -15.70 8.54 4.80
N SER B 42 -15.51 7.53 3.98
CA SER B 42 -15.01 6.24 4.47
CA SER B 42 -15.01 6.25 4.50
C SER B 42 -13.57 5.89 4.11
N VAL B 43 -12.98 6.67 3.20
CA VAL B 43 -11.64 6.32 2.75
C VAL B 43 -10.67 7.33 3.32
N ASP B 44 -9.84 6.92 4.27
CA ASP B 44 -8.82 7.84 4.81
C ASP B 44 -7.77 8.22 3.77
N GLN B 45 -7.25 9.44 3.90
CA GLN B 45 -6.21 10.02 3.04
C GLN B 45 -5.14 10.65 3.91
N PRO B 46 -3.89 10.74 3.40
CA PRO B 46 -2.83 11.47 4.11
C PRO B 46 -3.33 12.86 4.43
N LEU B 47 -2.98 13.33 5.61
CA LEU B 47 -3.35 14.67 6.06
C LEU B 47 -2.49 15.75 5.36
N LYS B 48 -3.09 16.90 5.02
CA LYS B 48 -2.36 18.02 4.41
C LYS B 48 -2.31 19.16 5.41
N ILE B 49 -1.18 19.87 5.41
CA ILE B 49 -0.98 21.00 6.31
C ILE B 49 -1.40 22.27 5.53
N ALA B 50 -2.24 23.09 6.13
CA ALA B 50 -2.47 24.43 5.58
C ALA B 50 -2.13 25.48 6.63
N ARG B 51 -1.99 26.72 6.15
CA ARG B 51 -1.62 27.87 6.95
C ARG B 51 -2.85 28.72 7.26
N ASP B 52 -3.14 28.95 8.53
CA ASP B 52 -4.26 29.84 8.89
C ASP B 52 -3.66 31.24 8.89
N LYS B 53 -4.04 32.05 7.90
CA LYS B 53 -3.44 33.38 7.68
C LYS B 53 -3.98 34.45 8.63
N VAL B 54 -4.98 34.08 9.41
CA VAL B 54 -5.65 34.98 10.36
C VAL B 54 -4.95 34.95 11.71
N VAL B 55 -4.58 33.74 12.17
CA VAL B 55 -3.86 33.59 13.45
C VAL B 55 -2.38 33.19 13.26
N GLY B 56 -2.03 32.77 12.04
CA GLY B 56 -0.65 32.32 11.73
C GLY B 56 -0.27 30.96 12.30
N LYS B 57 -1.23 30.05 12.37
CA LYS B 57 -0.94 28.71 12.88
C LYS B 57 -1.27 27.71 11.81
N ASP B 58 -0.55 26.59 11.81
CA ASP B 58 -0.83 25.50 10.90
C ASP B 58 -2.02 24.67 11.36
N TYR B 59 -2.76 24.15 10.40
CA TYR B 59 -3.87 23.26 10.71
C TYR B 59 -3.95 22.19 9.64
N LEU B 60 -4.75 21.16 9.89
CA LEU B 60 -4.73 19.98 9.05
C LEU B 60 -6.02 19.86 8.26
N LEU B 61 -5.89 19.46 7.00
CA LEU B 61 -7.01 19.24 6.08
C LEU B 61 -7.37 17.75 5.93
N CYS B 62 -8.66 17.46 6.03
CA CYS B 62 -9.19 16.16 5.64
C CYS B 62 -10.67 16.34 5.34
N ASP B 63 -11.34 15.24 5.04
CA ASP B 63 -12.74 15.32 4.72
C ASP B 63 -13.57 15.91 5.86
N TYR B 64 -13.17 15.63 7.10
CA TYR B 64 -13.98 16.09 8.24
C TYR B 64 -14.08 17.62 8.44
N ASN B 65 -13.12 18.39 7.95
CA ASN B 65 -13.23 19.87 8.09
C ASN B 65 -13.48 20.56 6.72
N ARG B 66 -13.85 19.76 5.72
CA ARG B 66 -14.14 20.25 4.38
C ARG B 66 -15.63 20.62 4.22
N ASP B 67 -15.93 21.63 3.43
CA ASP B 67 -17.33 21.84 2.96
C ASP B 67 -17.17 22.42 1.59
N GLY B 68 -17.65 21.73 0.56
CA GLY B 68 -17.33 22.13 -0.84
C GLY B 68 -15.84 22.01 -1.13
N ASP B 69 -15.23 23.09 -1.61
CA ASP B 69 -13.77 23.09 -1.78
C ASP B 69 -13.01 23.85 -0.69
N SER B 70 -13.70 24.19 0.39
CA SER B 70 -13.09 24.98 1.44
C SER B 70 -12.82 24.14 2.67
N TYR B 71 -11.84 24.55 3.46
CA TYR B 71 -11.60 23.90 4.75
C TYR B 71 -11.69 24.90 5.90
N ARG B 72 -12.22 24.42 7.02
CA ARG B 72 -12.37 25.23 8.25
C ARG B 72 -11.14 25.11 9.13
N SER B 73 -10.59 26.24 9.54
CA SER B 73 -9.50 26.26 10.50
C SER B 73 -10.05 26.15 11.93
N PRO B 74 -9.42 25.31 12.78
CA PRO B 74 -9.84 25.20 14.19
C PRO B 74 -9.37 26.40 15.02
N TRP B 75 -8.49 27.26 14.48
CA TRP B 75 -7.97 28.41 15.19
C TRP B 75 -8.88 29.65 15.00
N SER B 76 -9.08 30.05 13.75
CA SER B 76 -9.90 31.21 13.42
C SER B 76 -11.39 30.84 13.26
N ASN B 77 -11.71 29.53 13.17
CA ASN B 77 -13.08 29.06 12.95
C ASN B 77 -13.70 29.65 11.66
N LYS B 78 -12.88 29.74 10.61
CA LYS B 78 -13.28 30.26 9.32
C LYS B 78 -12.92 29.29 8.21
N TYR B 79 -13.65 29.33 7.11
CA TYR B 79 -13.32 28.51 5.95
C TYR B 79 -12.35 29.23 5.04
N ASP B 80 -11.51 28.44 4.36
CA ASP B 80 -10.58 28.97 3.35
C ASP B 80 -10.61 28.05 2.13
N PRO B 81 -10.91 28.60 0.93
CA PRO B 81 -11.39 29.94 0.60
C PRO B 81 -12.69 30.26 1.35
N PRO B 82 -13.00 31.56 1.53
CA PRO B 82 -14.18 31.92 2.31
C PRO B 82 -15.45 31.31 1.74
N LEU B 83 -16.37 30.94 2.62
CA LEU B 83 -17.68 30.39 2.24
C LEU B 83 -18.78 31.22 2.87
N GLU B 84 -19.89 31.37 2.16
CA GLU B 84 -21.05 32.06 2.72
C GLU B 84 -21.73 31.28 3.86
N ASP B 85 -21.74 29.96 3.76
CA ASP B 85 -22.67 29.14 4.53
C ASP B 85 -22.02 27.81 4.95
N GLY B 86 -20.74 27.85 5.31
CA GLY B 86 -20.03 26.62 5.69
C GLY B 86 -20.55 26.07 7.00
N ALA B 87 -20.54 24.74 7.15
CA ALA B 87 -20.99 24.07 8.38
C ALA B 87 -20.13 24.52 9.56
N MET B 88 -20.78 25.04 10.59
CA MET B 88 -20.07 25.58 11.76
C MET B 88 -20.55 24.84 13.02
N PRO B 89 -19.65 24.66 14.01
CA PRO B 89 -20.17 24.10 15.27
C PRO B 89 -21.03 25.12 16.01
N SER B 90 -21.96 24.61 16.79
CA SER B 90 -22.68 25.38 17.78
C SER B 90 -21.73 26.09 18.77
N ALA B 91 -22.22 27.12 19.47
CA ALA B 91 -21.39 27.85 20.44
C ALA B 91 -20.84 26.91 21.51
N ARG B 92 -21.71 26.03 22.03
CA ARG B 92 -21.30 25.06 23.05
C ARG B 92 -20.21 24.10 22.52
N LEU B 93 -20.38 23.59 21.30
CA LEU B 93 -19.40 22.69 20.74
C LEU B 93 -18.11 23.40 20.37
N ARG B 94 -18.22 24.64 19.91
CA ARG B 94 -17.02 25.37 19.52
C ARG B 94 -16.16 25.61 20.76
N LYS B 95 -16.79 25.90 21.90
CA LYS B 95 -16.06 26.07 23.14
CA LYS B 95 -16.08 26.06 23.16
C LYS B 95 -15.31 24.79 23.53
N LEU B 96 -15.97 23.65 23.38
CA LEU B 96 -15.36 22.36 23.64
C LEU B 96 -14.22 22.11 22.64
N GLU B 97 -14.42 22.55 21.39
CA GLU B 97 -13.42 22.40 20.32
C GLU B 97 -12.13 23.18 20.58
N VAL B 98 -12.28 24.41 21.06
CA VAL B 98 -11.13 25.25 21.39
C VAL B 98 -10.30 24.57 22.48
N GLU B 99 -11.01 24.11 23.54
CA GLU B 99 -10.44 23.42 24.69
C GLU B 99 -9.73 22.13 24.25
N ALA B 100 -10.38 21.36 23.37
CA ALA B 100 -9.78 20.13 22.79
C ALA B 100 -8.53 20.44 21.98
N ASN B 101 -8.58 21.50 21.17
CA ASN B 101 -7.44 21.89 20.39
C ASN B 101 -6.23 22.23 21.25
N ASN B 102 -6.47 22.89 22.38
CA ASN B 102 -5.40 23.26 23.28
C ASN B 102 -4.85 22.04 23.97
N ALA B 103 -5.75 21.18 24.44
CA ALA B 103 -5.40 19.92 25.07
C ALA B 103 -4.59 19.01 24.13
N PHE B 104 -5.04 18.86 22.89
CA PHE B 104 -4.33 17.94 21.97
C PHE B 104 -3.06 18.53 21.41
N ASP B 105 -2.95 19.85 21.48
CA ASP B 105 -1.68 20.50 21.18
C ASP B 105 -0.61 20.16 22.23
N GLN B 106 -0.98 20.13 23.51
CA GLN B 106 -0.05 19.68 24.56
C GLN B 106 0.24 18.18 24.42
N TYR B 107 -0.78 17.38 24.10
CA TYR B 107 -0.61 15.93 23.89
C TYR B 107 0.41 15.72 22.73
N ARG B 108 0.22 16.46 21.63
CA ARG B 108 1.11 16.41 20.49
C ARG B 108 2.56 16.75 20.88
N ASP B 109 2.75 17.83 21.64
CA ASP B 109 4.10 18.22 22.04
C ASP B 109 4.72 17.11 22.86
N LEU B 110 3.93 16.55 23.77
CA LEU B 110 4.40 15.55 24.75
C LEU B 110 4.82 14.26 24.05
N TYR B 111 4.02 13.81 23.08
CA TYR B 111 4.31 12.54 22.37
C TYR B 111 5.13 12.66 21.09
N PHE B 112 4.96 13.75 20.36
CA PHE B 112 5.53 13.90 19.04
C PHE B 112 6.68 14.93 18.97
N GLU B 113 6.68 15.86 19.91
CA GLU B 113 7.75 16.87 20.03
C GLU B 113 7.92 17.69 18.77
N GLY B 114 6.81 18.01 18.11
CA GLY B 114 6.85 18.61 16.78
C GLY B 114 5.55 18.26 16.07
N GLY B 115 5.51 18.46 14.76
CA GLY B 115 4.32 18.12 13.98
C GLY B 115 3.21 19.13 14.20
N VAL B 116 2.01 18.79 13.72
CA VAL B 116 0.87 19.71 13.71
C VAL B 116 -0.33 18.92 14.21
N SER B 117 -1.20 19.55 14.98
CA SER B 117 -2.44 18.87 15.38
C SER B 117 -3.67 19.73 15.03
N SER B 118 -4.83 19.08 14.94
CA SER B 118 -6.12 19.77 14.76
C SER B 118 -7.26 18.94 15.28
N VAL B 119 -8.24 19.61 15.87
CA VAL B 119 -9.42 18.89 16.36
C VAL B 119 -10.67 19.54 15.78
N TYR B 120 -11.57 18.74 15.22
CA TYR B 120 -12.81 19.27 14.66
C TYR B 120 -13.98 18.54 15.28
N LEU B 121 -14.90 19.27 15.91
CA LEU B 121 -16.12 18.67 16.47
C LEU B 121 -17.37 19.01 15.62
N TRP B 122 -18.39 18.14 15.67
CA TRP B 122 -19.69 18.47 15.08
C TRP B 122 -20.85 17.82 15.86
N ASP B 123 -22.04 18.41 15.73
CA ASP B 123 -23.21 17.98 16.48
C ASP B 123 -23.81 16.68 15.92
N LEU B 124 -24.30 15.81 16.81
CA LEU B 124 -25.15 14.68 16.44
C LEU B 124 -26.50 14.88 17.12
N ASP B 125 -27.51 14.10 16.72
CA ASP B 125 -28.86 14.31 17.31
C ASP B 125 -28.85 14.16 18.83
N HIS B 126 -28.15 13.16 19.34
CA HIS B 126 -28.10 12.93 20.79
C HIS B 126 -26.69 13.03 21.42
N GLY B 127 -25.85 13.91 20.87
CA GLY B 127 -24.49 14.03 21.39
C GLY B 127 -23.61 14.71 20.38
N PHE B 128 -22.40 14.17 20.20
CA PHE B 128 -21.47 14.83 19.30
C PHE B 128 -20.38 13.89 18.79
N ALA B 129 -19.64 14.37 17.80
CA ALA B 129 -18.53 13.58 17.27
C ALA B 129 -17.37 14.50 17.09
N GLY B 130 -16.19 13.90 16.94
CA GLY B 130 -15.01 14.67 16.72
C GLY B 130 -13.98 13.90 15.95
N VAL B 131 -13.02 14.63 15.40
CA VAL B 131 -11.82 14.03 14.84
C VAL B 131 -10.59 14.71 15.45
N ILE B 132 -9.63 13.88 15.84
CA ILE B 132 -8.38 14.38 16.40
C ILE B 132 -7.32 14.01 15.37
N LEU B 133 -6.65 15.02 14.83
CA LEU B 133 -5.70 14.82 13.75
C LEU B 133 -4.27 15.17 14.20
N ILE B 134 -3.31 14.28 13.88
CA ILE B 134 -1.90 14.60 14.11
C ILE B 134 -1.08 14.23 12.88
N LYS B 135 -0.17 15.15 12.48
CA LYS B 135 0.67 14.96 11.32
C LYS B 135 2.11 15.26 11.77
N LYS B 136 3.02 14.30 11.57
CA LYS B 136 4.43 14.53 11.92
C LYS B 136 5.33 13.97 10.78
N ALA B 137 6.19 14.83 10.22
CA ALA B 137 7.16 14.50 9.19
C ALA B 137 8.48 14.25 9.90
N GLY B 138 9.23 13.26 9.45
CA GLY B 138 10.54 13.00 10.00
C GLY B 138 11.51 14.02 9.38
N ASP B 139 12.67 14.19 10.00
CA ASP B 139 13.65 15.19 9.57
C ASP B 139 14.49 14.75 8.37
N GLY B 140 14.46 13.45 8.04
CA GLY B 140 15.15 12.97 6.84
C GLY B 140 16.53 12.42 7.08
N SER B 141 16.83 12.18 8.35
CA SER B 141 18.09 11.60 8.77
CA SER B 141 18.08 11.58 8.79
C SER B 141 18.33 10.20 8.19
N LYS B 142 19.60 9.97 7.81
CA LYS B 142 20.07 8.74 7.16
C LYS B 142 19.41 8.52 5.80
N LYS B 143 19.00 9.63 5.17
CA LYS B 143 18.34 9.67 3.86
C LYS B 143 17.03 8.85 3.82
N ILE B 144 16.35 8.78 4.97
CA ILE B 144 15.03 8.14 5.05
C ILE B 144 13.97 9.22 5.21
N LYS B 145 13.02 9.29 4.29
CA LYS B 145 11.84 10.13 4.46
C LYS B 145 10.81 9.39 5.31
N GLY B 146 10.21 10.07 6.27
CA GLY B 146 9.22 9.41 7.14
C GLY B 146 8.05 10.35 7.38
N CYS B 147 6.85 9.80 7.52
CA CYS B 147 5.69 10.62 7.87
C CYS B 147 4.71 9.76 8.66
N TRP B 148 4.09 10.37 9.65
CA TRP B 148 3.05 9.78 10.50
C TRP B 148 1.78 10.64 10.42
N ASP B 149 0.63 10.01 10.21
CA ASP B 149 -0.66 10.64 10.24
C ASP B 149 -1.51 9.86 11.24
N SER B 150 -2.15 10.57 12.16
CA SER B 150 -3.14 9.96 13.06
C SER B 150 -4.47 10.59 12.70
N ILE B 151 -5.49 9.73 12.60
CA ILE B 151 -6.86 10.17 12.40
C ILE B 151 -7.75 9.41 13.40
N HIS B 152 -8.18 10.13 14.44
CA HIS B 152 -8.95 9.53 15.52
C HIS B 152 -10.35 10.11 15.44
N VAL B 153 -11.35 9.28 15.13
CA VAL B 153 -12.75 9.72 14.99
C VAL B 153 -13.56 9.11 16.16
N VAL B 154 -14.18 10.01 16.91
CA VAL B 154 -14.87 9.62 18.12
C VAL B 154 -16.36 10.03 18.00
N GLU B 155 -17.23 9.12 18.39
CA GLU B 155 -18.64 9.37 18.45
C GLU B 155 -19.02 9.31 19.94
N VAL B 156 -19.69 10.35 20.42
CA VAL B 156 -20.08 10.47 21.83
C VAL B 156 -21.62 10.55 21.88
N GLN B 157 -22.21 9.55 22.50
CA GLN B 157 -23.66 9.61 22.68
CA GLN B 157 -23.67 9.53 22.69
C GLN B 157 -23.97 10.02 24.11
N GLU B 158 -24.62 11.17 24.24
CA GLU B 158 -24.95 11.81 25.52
C GLU B 158 -26.36 11.43 25.99
N LYS B 159 -26.55 11.36 27.30
CA LYS B 159 -27.82 10.91 27.90
C LYS B 159 -28.50 12.09 28.56
N SER B 160 -29.82 11.99 28.68
CA SER B 160 -30.62 12.99 29.38
C SER B 160 -30.07 13.33 30.77
N SER B 161 -29.54 12.33 31.50
CA SER B 161 -28.99 12.58 32.84
C SER B 161 -27.68 13.40 32.84
N GLY B 162 -26.93 13.34 31.74
CA GLY B 162 -25.63 14.03 31.66
C GLY B 162 -24.52 13.47 32.56
N ARG B 163 -24.70 12.24 33.04
CA ARG B 163 -23.78 11.65 34.01
C ARG B 163 -22.96 10.50 33.43
N THR B 164 -23.36 10.04 32.25
CA THR B 164 -22.65 8.97 31.56
C THR B 164 -22.77 9.22 30.07
N ALA B 165 -21.75 8.80 29.32
CA ALA B 165 -21.80 8.88 27.86
C ALA B 165 -21.17 7.63 27.28
N HIS B 166 -21.61 7.26 26.08
CA HIS B 166 -20.99 6.14 25.38
C HIS B 166 -20.04 6.75 24.37
N TYR B 167 -18.82 6.20 24.35
CA TYR B 167 -17.74 6.66 23.45
C TYR B 167 -17.34 5.52 22.48
N LYS B 168 -17.25 5.82 21.19
CA LYS B 168 -16.73 4.83 20.23
C LYS B 168 -15.61 5.48 19.42
N LEU B 169 -14.43 4.90 19.48
CA LEU B 169 -13.30 5.53 18.82
C LEU B 169 -12.87 4.64 17.67
N THR B 170 -12.73 5.23 16.48
CA THR B 170 -12.18 4.51 15.33
C THR B 170 -10.91 5.26 14.92
N SER B 171 -9.78 4.60 15.04
CA SER B 171 -8.51 5.31 14.83
C SER B 171 -7.77 4.67 13.67
N THR B 172 -7.32 5.49 12.73
CA THR B 172 -6.38 5.08 11.72
C THR B 172 -5.02 5.78 11.94
N VAL B 173 -3.94 5.03 11.79
CA VAL B 173 -2.63 5.66 11.73
C VAL B 173 -1.99 5.27 10.41
N MET B 174 -1.41 6.25 9.71
CA MET B 174 -0.73 5.97 8.47
C MET B 174 0.74 6.22 8.72
N LEU B 175 1.58 5.34 8.21
CA LEU B 175 3.01 5.44 8.46
C LEU B 175 3.71 5.20 7.13
N TRP B 176 4.57 6.14 6.74
CA TRP B 176 5.17 6.16 5.43
C TRP B 176 6.67 6.25 5.59
N LEU B 177 7.43 5.34 4.95
CA LEU B 177 8.92 5.36 4.99
C LEU B 177 9.46 5.10 3.60
N GLN B 178 10.51 5.83 3.21
CA GLN B 178 10.98 5.72 1.85
C GLN B 178 12.49 5.97 1.90
N THR B 179 13.25 5.20 1.12
CA THR B 179 14.68 5.49 0.95
C THR B 179 15.17 4.97 -0.40
N ASN B 180 16.30 5.50 -0.85
CA ASN B 180 16.92 5.03 -2.10
C ASN B 180 18.42 5.01 -1.83
N LYS B 181 19.01 3.83 -1.80
CA LYS B 181 20.41 3.65 -1.39
C LYS B 181 21.08 2.65 -2.31
N THR B 182 22.40 2.64 -2.37
CA THR B 182 23.11 1.75 -3.29
C THR B 182 22.89 0.29 -2.97
N GLY B 183 22.78 -0.05 -1.70
CA GLY B 183 22.57 -1.43 -1.34
C GLY B 183 21.17 -1.95 -1.68
N SER B 184 20.15 -1.12 -1.45
CA SER B 184 18.76 -1.59 -1.43
C SER B 184 17.99 -1.13 -2.65
N GLY B 185 18.52 -0.14 -3.37
CA GLY B 185 17.73 0.52 -4.36
C GLY B 185 16.67 1.31 -3.61
N THR B 186 15.54 1.52 -4.28
CA THR B 186 14.38 2.17 -3.73
C THR B 186 13.59 1.23 -2.82
N MET B 187 13.28 1.69 -1.63
CA MET B 187 12.45 0.92 -0.72
C MET B 187 11.38 1.90 -0.21
N ASN B 188 10.12 1.49 -0.34
CA ASN B 188 9.00 2.31 0.12
C ASN B 188 8.10 1.40 0.92
N LEU B 189 7.98 1.68 2.20
CA LEU B 189 7.23 0.87 3.11
C LEU B 189 6.14 1.81 3.63
N GLY B 190 4.89 1.60 3.24
CA GLY B 190 3.85 2.59 3.57
C GLY B 190 2.45 2.00 3.68
N GLY B 191 1.49 2.79 4.21
CA GLY B 191 0.16 2.23 4.47
C GLY B 191 -0.42 2.67 5.79
N SER B 192 -1.40 1.89 6.27
CA SER B 192 -2.14 2.32 7.42
C SER B 192 -2.76 1.11 8.17
N LEU B 193 -3.12 1.33 9.42
CA LEU B 193 -3.83 0.33 10.23
C LEU B 193 -4.98 1.09 10.90
N THR B 194 -6.08 0.40 11.13
CA THR B 194 -7.25 1.00 11.76
C THR B 194 -7.72 0.05 12.85
N ARG B 195 -8.00 0.62 14.03
CA ARG B 195 -8.54 -0.14 15.15
C ARG B 195 -9.76 0.60 15.72
N GLN B 196 -10.59 -0.11 16.47
CA GLN B 196 -11.77 0.54 17.03
C GLN B 196 -11.97 0.06 18.44
N MET B 197 -12.50 0.92 19.29
CA MET B 197 -12.99 0.43 20.56
C MET B 197 -14.06 1.34 21.11
N GLU B 198 -14.70 0.89 22.18
CA GLU B 198 -15.99 1.39 22.55
C GLU B 198 -16.07 1.22 24.07
N LYS B 199 -16.70 2.19 24.74
CA LYS B 199 -16.66 2.24 26.18
C LYS B 199 -17.72 3.22 26.68
N ASP B 200 -18.41 2.83 27.76
CA ASP B 200 -19.20 3.77 28.54
C ASP B 200 -18.26 4.40 29.56
N GLU B 201 -18.41 5.71 29.78
CA GLU B 201 -17.64 6.40 30.83
C GLU B 201 -18.51 7.35 31.61
N THR B 202 -18.15 7.53 32.87
CA THR B 202 -18.70 8.58 33.70
C THR B 202 -18.31 9.92 33.09
N VAL B 203 -19.27 10.82 32.99
CA VAL B 203 -19.01 12.21 32.63
C VAL B 203 -19.22 13.03 33.91
N SER B 204 -18.16 13.64 34.40
CA SER B 204 -18.26 14.46 35.59
C SER B 204 -17.26 15.59 35.55
N ASP B 205 -17.23 16.39 36.62
CA ASP B 205 -16.19 17.38 36.76
C ASP B 205 -14.83 16.74 36.98
N SER B 206 -14.76 15.58 37.62
CA SER B 206 -13.47 14.92 37.70
C SER B 206 -13.12 14.16 36.40
N SER B 207 -14.15 13.80 35.62
CA SER B 207 -13.91 13.10 34.35
C SER B 207 -14.72 13.71 33.19
N PRO B 208 -14.30 14.88 32.70
CA PRO B 208 -15.05 15.56 31.67
C PRO B 208 -14.79 14.93 30.28
N HIS B 209 -15.63 15.27 29.29
CA HIS B 209 -15.53 14.70 27.93
C HIS B 209 -14.11 14.70 27.36
N ILE B 210 -13.42 15.82 27.41
CA ILE B 210 -12.04 15.89 26.86
C ILE B 210 -11.05 14.91 27.50
N ALA B 211 -11.18 14.71 28.82
CA ALA B 211 -10.37 13.71 29.53
C ALA B 211 -10.76 12.31 29.13
N ASN B 212 -12.04 12.08 28.94
CA ASN B 212 -12.50 10.73 28.62
C ASN B 212 -11.96 10.36 27.24
N ILE B 213 -12.09 11.30 26.31
CA ILE B 213 -11.63 11.14 24.92
C ILE B 213 -10.11 11.09 24.85
N GLY B 214 -9.45 11.97 25.60
CA GLY B 214 -8.01 11.97 25.65
C GLY B 214 -7.41 10.67 26.08
N ARG B 215 -7.98 10.06 27.11
CA ARG B 215 -7.50 8.77 27.62
C ARG B 215 -7.66 7.65 26.59
N LEU B 216 -8.81 7.61 25.94
CA LEU B 216 -9.05 6.61 24.91
C LEU B 216 -8.13 6.84 23.71
N VAL B 217 -7.93 8.09 23.33
CA VAL B 217 -7.05 8.38 22.18
C VAL B 217 -5.62 7.95 22.52
N GLU B 218 -5.16 8.35 23.72
CA GLU B 218 -3.79 7.99 24.14
C GLU B 218 -3.58 6.46 24.22
N ASP B 219 -4.53 5.75 24.83
CA ASP B 219 -4.46 4.31 24.91
C ASP B 219 -4.41 3.68 23.52
N MET B 220 -5.25 4.20 22.63
CA MET B 220 -5.36 3.62 21.29
C MET B 220 -4.08 3.86 20.50
N GLU B 221 -3.61 5.11 20.51
CA GLU B 221 -2.42 5.45 19.72
C GLU B 221 -1.16 4.75 20.25
N ASN B 222 -1.03 4.61 21.57
CA ASN B 222 0.07 3.81 22.15
C ASN B 222 0.04 2.37 21.64
N LYS B 223 -1.16 1.77 21.66
CA LYS B 223 -1.38 0.42 21.15
C LYS B 223 -1.04 0.33 19.65
N ILE B 224 -1.49 1.32 18.88
CA ILE B 224 -1.25 1.24 17.43
C ILE B 224 0.25 1.45 17.09
N ARG B 225 0.92 2.32 17.85
CA ARG B 225 2.36 2.55 17.69
C ARG B 225 3.09 1.17 17.80
N SER B 226 2.75 0.40 18.83
CA SER B 226 3.38 -0.93 19.04
C SER B 226 3.00 -1.94 17.99
N THR B 227 1.73 -1.94 17.55
CA THR B 227 1.33 -2.77 16.40
C THR B 227 2.05 -2.41 15.11
N LEU B 228 2.08 -1.12 14.78
CA LEU B 228 2.85 -0.63 13.65
C LEU B 228 4.31 -1.16 13.68
N ASN B 229 4.93 -1.03 14.84
CA ASN B 229 6.31 -1.52 15.03
C ASN B 229 6.43 -3.02 14.66
N GLU B 230 5.50 -3.80 15.18
CA GLU B 230 5.42 -5.26 14.90
C GLU B 230 5.20 -5.57 13.44
N ILE B 231 4.17 -4.94 12.84
CA ILE B 231 3.82 -5.19 11.44
C ILE B 231 4.88 -4.70 10.46
N TYR B 232 5.32 -3.44 10.62
CA TYR B 232 6.25 -2.87 9.64
C TYR B 232 7.61 -3.53 9.75
N PHE B 233 8.13 -3.58 10.97
CA PHE B 233 9.55 -3.94 11.11
C PHE B 233 9.75 -5.41 11.49
N GLY B 234 8.66 -6.08 11.78
CA GLY B 234 8.68 -7.50 12.15
C GLY B 234 8.08 -8.30 11.01
N LYS B 235 6.76 -8.23 10.88
CA LYS B 235 6.04 -9.06 9.90
C LYS B 235 6.42 -8.82 8.44
N THR B 236 6.47 -7.59 7.96
CA THR B 236 6.83 -7.47 6.52
C THR B 236 8.28 -7.92 6.26
N LYS B 237 9.16 -7.61 7.18
CA LYS B 237 10.55 -8.04 7.01
C LYS B 237 10.63 -9.57 6.96
N ASP B 238 9.89 -10.25 7.85
CA ASP B 238 9.87 -11.74 7.87
C ASP B 238 9.29 -12.30 6.57
N ILE B 239 8.30 -11.60 6.03
CA ILE B 239 7.75 -12.02 4.76
C ILE B 239 8.83 -11.92 3.66
N VAL B 240 9.51 -10.76 3.59
CA VAL B 240 10.61 -10.59 2.61
C VAL B 240 11.57 -11.78 2.72
N ASN B 241 12.00 -12.07 3.94
CA ASN B 241 13.02 -13.12 4.12
C ASN B 241 12.48 -14.53 3.84
N GLY B 242 11.15 -14.69 3.96
CA GLY B 242 10.46 -15.91 3.55
C GLY B 242 10.36 -16.09 2.03
N LEU B 243 10.56 -15.03 1.25
CA LEU B 243 10.52 -15.17 -0.22
C LEU B 243 11.86 -15.68 -0.77
N ARG B 244 12.92 -15.53 0.00
CA ARG B 244 14.23 -15.93 -0.46
C ARG B 244 15.00 -16.54 0.70
N ASN C 1 -14.97 -9.78 1.82
CA ASN C 1 -15.14 -10.31 3.21
C ASN C 1 -14.10 -9.75 4.19
N LEU C 2 -13.59 -8.54 3.90
CA LEU C 2 -12.79 -7.82 4.90
C LEU C 2 -13.73 -6.94 5.71
N LEU C 3 -13.34 -6.69 6.94
CA LEU C 3 -14.09 -5.84 7.84
C LEU C 3 -13.71 -4.38 7.57
N HIS C 4 -14.69 -3.51 7.35
CA HIS C 4 -14.38 -2.11 7.06
C HIS C 4 -14.79 -1.20 8.20
N LEU C 5 -13.93 -1.04 9.19
CA LEU C 5 -14.25 -0.18 10.32
C LEU C 5 -14.61 1.28 9.96
N THR C 6 -13.99 1.82 8.93
CA THR C 6 -14.17 3.24 8.61
C THR C 6 -15.55 3.53 7.99
N ALA C 7 -16.23 2.48 7.56
CA ALA C 7 -17.57 2.62 6.99
C ALA C 7 -18.64 2.99 8.02
N ASN C 8 -18.39 2.75 9.30
CA ASN C 8 -19.37 3.05 10.34
CA ASN C 8 -19.39 3.07 10.31
C ASN C 8 -18.89 4.08 11.38
N ARG C 9 -18.13 5.06 10.91
CA ARG C 9 -17.78 6.19 11.74
C ARG C 9 -18.93 7.20 11.68
N PRO C 10 -19.08 8.03 12.74
CA PRO C 10 -20.11 9.04 12.66
C PRO C 10 -19.95 9.95 11.40
N LYS C 11 -21.06 10.42 10.85
CA LYS C 11 -21.07 11.31 9.70
C LYS C 11 -21.55 12.72 10.04
N MET C 12 -21.19 13.64 9.16
CA MET C 12 -21.79 14.98 9.16
CA MET C 12 -21.72 14.98 9.15
C MET C 12 -22.55 15.15 7.86
N PRO C 13 -23.89 15.07 7.95
CA PRO C 13 -24.61 15.27 6.69
C PRO C 13 -24.70 16.75 6.33
N GLY C 14 -25.10 17.05 5.12
CA GLY C 14 -25.23 18.45 4.70
C GLY C 14 -23.94 19.04 4.17
N ARG C 15 -22.91 18.20 4.03
CA ARG C 15 -21.62 18.61 3.48
CA ARG C 15 -21.63 18.63 3.48
C ARG C 15 -21.76 18.71 1.96
N ARG C 16 -21.37 19.85 1.38
CA ARG C 16 -21.37 19.96 -0.10
C ARG C 16 -20.17 19.19 -0.63
N LEU C 17 -20.34 18.50 -1.77
CA LEU C 17 -19.24 17.77 -2.42
C LEU C 17 -18.25 18.77 -2.97
N PRO C 18 -17.00 18.35 -3.27
CA PRO C 18 -16.11 19.22 -4.04
C PRO C 18 -16.75 19.54 -5.40
N GLY C 19 -16.51 20.76 -5.90
CA GLY C 19 -17.19 21.31 -7.08
C GLY C 19 -17.08 20.44 -8.32
N ARG C 20 -15.88 19.89 -8.52
CA ARG C 20 -15.62 19.00 -9.65
C ARG C 20 -16.51 17.74 -9.65
N PHE C 21 -17.18 17.46 -8.53
CA PHE C 21 -18.14 16.35 -8.42
C PHE C 21 -19.58 16.83 -8.33
N ASN C 22 -19.79 18.13 -8.57
CA ASN C 22 -21.12 18.78 -8.46
C ASN C 22 -21.59 19.05 -7.02
N GLY C 23 -22.42 18.14 -6.48
CA GLY C 23 -23.29 18.36 -5.30
C GLY C 23 -22.86 19.19 -4.09
#